data_7RVD
# 
_entry.id   7RVD 
# 
_audit_conform.dict_name       mmcif_pdbx.dic 
_audit_conform.dict_version    5.392 
_audit_conform.dict_location   http://mmcif.pdb.org/dictionaries/ascii/mmcif_pdbx.dic 
# 
loop_
_database_2.database_id 
_database_2.database_code 
_database_2.pdbx_database_accession 
_database_2.pdbx_DOI 
PDB   7RVD         pdb_00007rvd 10.2210/pdb7rvd/pdb 
WWPDB D_1000259059 ?            ?                   
# 
loop_
_pdbx_audit_revision_history.ordinal 
_pdbx_audit_revision_history.data_content_type 
_pdbx_audit_revision_history.major_revision 
_pdbx_audit_revision_history.minor_revision 
_pdbx_audit_revision_history.revision_date 
1 'Structure model' 1 0 2022-08-24 
2 'Structure model' 1 1 2024-05-22 
# 
_pdbx_audit_revision_details.ordinal             1 
_pdbx_audit_revision_details.revision_ordinal    1 
_pdbx_audit_revision_details.data_content_type   'Structure model' 
_pdbx_audit_revision_details.provider            repository 
_pdbx_audit_revision_details.type                'Initial release' 
_pdbx_audit_revision_details.description         ? 
_pdbx_audit_revision_details.details             ? 
# 
_pdbx_audit_revision_group.ordinal             1 
_pdbx_audit_revision_group.revision_ordinal    2 
_pdbx_audit_revision_group.data_content_type   'Structure model' 
_pdbx_audit_revision_group.group               'Data collection' 
# 
loop_
_pdbx_audit_revision_category.ordinal 
_pdbx_audit_revision_category.revision_ordinal 
_pdbx_audit_revision_category.data_content_type 
_pdbx_audit_revision_category.category 
1 2 'Structure model' chem_comp_atom 
2 2 'Structure model' chem_comp_bond 
# 
_pdbx_database_status.status_code                     REL 
_pdbx_database_status.status_code_sf                  REL 
_pdbx_database_status.status_code_mr                  ? 
_pdbx_database_status.entry_id                        7RVD 
_pdbx_database_status.recvd_initial_deposition_date   2021-08-18 
_pdbx_database_status.SG_entry                        N 
_pdbx_database_status.deposit_site                    RCSB 
_pdbx_database_status.process_site                    RCSB 
_pdbx_database_status.status_code_cs                  ? 
_pdbx_database_status.status_code_nmr_data            ? 
_pdbx_database_status.methods_development_category    ? 
_pdbx_database_status.pdb_format_compatible           Y 
# 
loop_
_audit_author.name 
_audit_author.pdbx_ordinal 
_audit_author.identifier_ORCID 
'Glynn, C.'       1 ? 
'Rodriguez, J.A.' 2 ? 
'Hernandez, E.'   3 ? 
# 
_citation.abstract                  ? 
_citation.abstract_id_CAS           ? 
_citation.book_id_ISBN              ? 
_citation.book_publisher            ? 
_citation.book_publisher_city       ? 
_citation.book_title                ? 
_citation.coordinate_linkage        ? 
_citation.country                   ? 
_citation.database_id_Medline       ? 
_citation.details                   ? 
_citation.id                        primary 
_citation.journal_abbrev            'To be published' 
_citation.journal_id_ASTM           ? 
_citation.journal_id_CSD            0353 
_citation.journal_id_ISSN           ? 
_citation.journal_full              ? 
_citation.journal_issue             ? 
_citation.journal_volume            ? 
_citation.language                  ? 
_citation.page_first                ? 
_citation.page_last                 ? 
_citation.title                     
'Structural and Biophysical Consequences of Sequence Variation in the B2a2 Loop of Mammalian Prions' 
_citation.year                      ? 
_citation.database_id_CSD           ? 
_citation.pdbx_database_id_DOI      ? 
_citation.pdbx_database_id_PubMed   ? 
_citation.pdbx_database_id_patent   ? 
_citation.unpublished_flag          ? 
# 
loop_
_citation_author.citation_id 
_citation_author.name 
_citation_author.ordinal 
_citation_author.identifier_ORCID 
primary 'Glynn, C.'       1 ? 
primary 'Rodriguez, J.A.' 2 ? 
primary 'Hernandez, E.'   3 ? 
# 
_entity.id                         1 
_entity.type                       polymer 
_entity.src_method                 syn 
_entity.pdbx_description           'Major prion protein' 
_entity.formula_weight             1113.137 
_entity.pdbx_number_of_molecules   1 
_entity.pdbx_ec                    ? 
_entity.pdbx_mutation              ? 
_entity.pdbx_fragment              'UNP residues 167-175' 
_entity.details                    'also Bos taurus' 
# 
_entity_name_com.entity_id   1 
_entity_name_com.name        PrP,PrP27-30,PrP33-35C 
# 
_entity_poly.entity_id                      1 
_entity_poly.type                           'polypeptide(L)' 
_entity_poly.nstd_linkage                   no 
_entity_poly.nstd_monomer                   no 
_entity_poly.pdbx_seq_one_letter_code       QYSNQNNFV 
_entity_poly.pdbx_seq_one_letter_code_can   QYSNQNNFV 
_entity_poly.pdbx_strand_id                 A 
_entity_poly.pdbx_target_identifier         ? 
# 
loop_
_entity_poly_seq.entity_id 
_entity_poly_seq.num 
_entity_poly_seq.mon_id 
_entity_poly_seq.hetero 
1 1 GLN n 
1 2 TYR n 
1 3 SER n 
1 4 ASN n 
1 5 GLN n 
1 6 ASN n 
1 7 ASN n 
1 8 PHE n 
1 9 VAL n 
# 
_pdbx_entity_src_syn.entity_id              1 
_pdbx_entity_src_syn.pdbx_src_id            1 
_pdbx_entity_src_syn.pdbx_alt_source_flag   sample 
_pdbx_entity_src_syn.pdbx_beg_seq_num       1 
_pdbx_entity_src_syn.pdbx_end_seq_num       9 
_pdbx_entity_src_syn.organism_scientific    'Mus musculus' 
_pdbx_entity_src_syn.organism_common_name   Mouse 
_pdbx_entity_src_syn.ncbi_taxonomy_id       10090 
_pdbx_entity_src_syn.details                ? 
# 
loop_
_chem_comp.id 
_chem_comp.type 
_chem_comp.mon_nstd_flag 
_chem_comp.name 
_chem_comp.pdbx_synonyms 
_chem_comp.formula 
_chem_comp.formula_weight 
ASN 'L-peptide linking' y ASPARAGINE    ? 'C4 H8 N2 O3'  132.118 
GLN 'L-peptide linking' y GLUTAMINE     ? 'C5 H10 N2 O3' 146.144 
PHE 'L-peptide linking' y PHENYLALANINE ? 'C9 H11 N O2'  165.189 
SER 'L-peptide linking' y SERINE        ? 'C3 H7 N O3'   105.093 
TYR 'L-peptide linking' y TYROSINE      ? 'C9 H11 N O3'  181.189 
VAL 'L-peptide linking' y VALINE        ? 'C5 H11 N O2'  117.146 
# 
loop_
_pdbx_poly_seq_scheme.asym_id 
_pdbx_poly_seq_scheme.entity_id 
_pdbx_poly_seq_scheme.seq_id 
_pdbx_poly_seq_scheme.mon_id 
_pdbx_poly_seq_scheme.ndb_seq_num 
_pdbx_poly_seq_scheme.pdb_seq_num 
_pdbx_poly_seq_scheme.auth_seq_num 
_pdbx_poly_seq_scheme.pdb_mon_id 
_pdbx_poly_seq_scheme.auth_mon_id 
_pdbx_poly_seq_scheme.pdb_strand_id 
_pdbx_poly_seq_scheme.pdb_ins_code 
_pdbx_poly_seq_scheme.hetero 
A 1 1 GLN 1 168 168 GLN GLN A . n 
A 1 2 TYR 2 169 169 TYR TYR A . n 
A 1 3 SER 3 170 170 SER SER A . n 
A 1 4 ASN 4 171 171 ASN ASN A . n 
A 1 5 GLN 5 172 172 GLN GLN A . n 
A 1 6 ASN 6 173 173 ASN ASN A . n 
A 1 7 ASN 7 174 174 ASN ASN A . n 
A 1 8 PHE 8 175 175 PHE PHE A . n 
A 1 9 VAL 9 176 176 VAL VAL A . n 
# 
loop_
_software.citation_id 
_software.classification 
_software.compiler_name 
_software.compiler_version 
_software.contact_author 
_software.contact_author_email 
_software.date 
_software.description 
_software.dependencies 
_software.hardware 
_software.language 
_software.location 
_software.mods 
_software.name 
_software.os 
_software.os_version 
_software.type 
_software.version 
_software.pdbx_ordinal 
? 'data scaling'    ? ? ? ? ? ? ? ? ? ? ? XSCALE      ? ? ? .         1 
? refinement        ? ? ? ? ? ? ? ? ? ? ? PHENIX      ? ? ? 1.12_2829 2 
? 'data extraction' ? ? ? ? ? ? ? ? ? ? ? PDB_EXTRACT ? ? ? 3.27      3 
? 'data reduction'  ? ? ? ? ? ? ? ? ? ? ? XDS         ? ? ? .         4 
? phasing           ? ? ? ? ? ? ? ? ? ? ? SHELXD      ? ? ? .         5 
# 
_cell.angle_alpha                  94.650 
_cell.angle_alpha_esd              ? 
_cell.angle_beta                   90.730 
_cell.angle_beta_esd               ? 
_cell.angle_gamma                  101.150 
_cell.angle_gamma_esd              ? 
_cell.entry_id                     7RVD 
_cell.details                      ? 
_cell.formula_units_Z              ? 
_cell.length_a                     4.870 
_cell.length_a_esd                 ? 
_cell.length_b                     10.170 
_cell.length_b_esd                 ? 
_cell.length_c                     31.290 
_cell.length_c_esd                 ? 
_cell.volume                       ? 
_cell.volume_esd                   ? 
_cell.Z_PDB                        1 
_cell.reciprocal_angle_alpha       ? 
_cell.reciprocal_angle_beta        ? 
_cell.reciprocal_angle_gamma       ? 
_cell.reciprocal_angle_alpha_esd   ? 
_cell.reciprocal_angle_beta_esd    ? 
_cell.reciprocal_angle_gamma_esd   ? 
_cell.reciprocal_length_a          ? 
_cell.reciprocal_length_b          ? 
_cell.reciprocal_length_c          ? 
_cell.reciprocal_length_a_esd      ? 
_cell.reciprocal_length_b_esd      ? 
_cell.reciprocal_length_c_esd      ? 
_cell.pdbx_unique_axis             ? 
# 
_symmetry.entry_id                         7RVD 
_symmetry.cell_setting                     ? 
_symmetry.Int_Tables_number                1 
_symmetry.space_group_name_Hall            ? 
_symmetry.space_group_name_H-M             'P 1' 
_symmetry.pdbx_full_space_group_name_H-M   ? 
# 
_exptl.absorpt_coefficient_mu     ? 
_exptl.absorpt_correction_T_max   ? 
_exptl.absorpt_correction_T_min   ? 
_exptl.absorpt_correction_type    ? 
_exptl.absorpt_process_details    ? 
_exptl.entry_id                   7RVD 
_exptl.crystals_number            1 
_exptl.details                    ? 
_exptl.method                     'ELECTRON CRYSTALLOGRAPHY' 
_exptl.method_details             ? 
# 
_exptl_crystal.colour                      ? 
_exptl_crystal.density_diffrn              ? 
_exptl_crystal.density_Matthews            ? 
_exptl_crystal.density_method              ? 
_exptl_crystal.density_percent_sol         ? 
_exptl_crystal.description                 ? 
_exptl_crystal.F_000                       ? 
_exptl_crystal.id                          1 
_exptl_crystal.preparation                 ? 
_exptl_crystal.size_max                    ? 
_exptl_crystal.size_mid                    ? 
_exptl_crystal.size_min                    ? 
_exptl_crystal.size_rad                    ? 
_exptl_crystal.colour_lustre               ? 
_exptl_crystal.colour_modifier             ? 
_exptl_crystal.colour_primary              ? 
_exptl_crystal.density_meas                ? 
_exptl_crystal.density_meas_esd            ? 
_exptl_crystal.density_meas_gt             ? 
_exptl_crystal.density_meas_lt             ? 
_exptl_crystal.density_meas_temp           ? 
_exptl_crystal.density_meas_temp_esd       ? 
_exptl_crystal.density_meas_temp_gt        ? 
_exptl_crystal.density_meas_temp_lt        ? 
_exptl_crystal.pdbx_crystal_image_url      ? 
_exptl_crystal.pdbx_crystal_image_format   ? 
_exptl_crystal.pdbx_mosaicity              ? 
_exptl_crystal.pdbx_mosaicity_esd          ? 
# 
_exptl_crystal_grow.apparatus       ? 
_exptl_crystal_grow.atmosphere      ? 
_exptl_crystal_grow.crystal_id      1 
_exptl_crystal_grow.details         ? 
_exptl_crystal_grow.method          'VAPOR DIFFUSION, HANGING DROP' 
_exptl_crystal_grow.method_ref      ? 
_exptl_crystal_grow.pH              6 
_exptl_crystal_grow.pressure        ? 
_exptl_crystal_grow.pressure_esd    ? 
_exptl_crystal_grow.seeding         ? 
_exptl_crystal_grow.seeding_ref     ? 
_exptl_crystal_grow.temp            298 
_exptl_crystal_grow.temp_details    ? 
_exptl_crystal_grow.temp_esd        ? 
_exptl_crystal_grow.time            ? 
_exptl_crystal_grow.pdbx_details    '0.5 M zinc acetate, 15% ethanol, 0.2 M MES, pH 6' 
_exptl_crystal_grow.pdbx_pH_range   ? 
# 
_diffrn.ambient_environment              ? 
_diffrn.ambient_temp                     100 
_diffrn.ambient_temp_details             ? 
_diffrn.ambient_temp_esd                 ? 
_diffrn.crystal_id                       1 
_diffrn.crystal_support                  ? 
_diffrn.crystal_treatment                ? 
_diffrn.details                          ? 
_diffrn.id                               1 
_diffrn.ambient_pressure                 ? 
_diffrn.ambient_pressure_esd             ? 
_diffrn.ambient_pressure_gt              ? 
_diffrn.ambient_pressure_lt              ? 
_diffrn.ambient_temp_gt                  ? 
_diffrn.ambient_temp_lt                  ? 
_diffrn.pdbx_serial_crystal_experiment   N 
# 
_diffrn_detector.details                      ? 
_diffrn_detector.detector                     CMOS 
_diffrn_detector.diffrn_id                    1 
_diffrn_detector.type                         'TVIPS TEMCAM-F416' 
_diffrn_detector.area_resol_mean              ? 
_diffrn_detector.dtime                        ? 
_diffrn_detector.pdbx_frames_total            ? 
_diffrn_detector.pdbx_collection_time_total   ? 
_diffrn_detector.pdbx_collection_date         2016-11-13 
_diffrn_detector.pdbx_frequency               ? 
# 
_diffrn_radiation.collimation                      ? 
_diffrn_radiation.diffrn_id                        1 
_diffrn_radiation.filter_edge                      ? 
_diffrn_radiation.inhomogeneity                    ? 
_diffrn_radiation.monochromator                    ? 
_diffrn_radiation.polarisn_norm                    ? 
_diffrn_radiation.polarisn_ratio                   ? 
_diffrn_radiation.probe                            ? 
_diffrn_radiation.type                             ? 
_diffrn_radiation.xray_symbol                      ? 
_diffrn_radiation.wavelength_id                    1 
_diffrn_radiation.pdbx_monochromatic_or_laue_m_l   M 
_diffrn_radiation.pdbx_wavelength_list             ? 
_diffrn_radiation.pdbx_wavelength                  ? 
_diffrn_radiation.pdbx_diffrn_protocol             'SINGLE WAVELENGTH' 
_diffrn_radiation.pdbx_analyzer                    ? 
_diffrn_radiation.pdbx_scattering_type             electron 
# 
_diffrn_radiation_wavelength.id           1 
_diffrn_radiation_wavelength.wavelength   0.0251 
_diffrn_radiation_wavelength.wt           1.0 
# 
_diffrn_source.current                     ? 
_diffrn_source.details                     ? 
_diffrn_source.diffrn_id                   1 
_diffrn_source.power                       ? 
_diffrn_source.size                        ? 
_diffrn_source.source                      'ELECTRON MICROSCOPE' 
_diffrn_source.target                      ? 
_diffrn_source.type                        OTHER 
_diffrn_source.voltage                     ? 
_diffrn_source.take-off_angle              ? 
_diffrn_source.pdbx_wavelength_list        0.0251 
_diffrn_source.pdbx_wavelength             ? 
_diffrn_source.pdbx_synchrotron_beamline   ? 
_diffrn_source.pdbx_synchrotron_site       ? 
# 
_reflns.B_iso_Wilson_estimate                          4.540 
_reflns.entry_id                                       7RVD 
_reflns.data_reduction_details                         ? 
_reflns.data_reduction_method                          ? 
_reflns.d_resolution_high                              1.000 
_reflns.d_resolution_low                               10.391 
_reflns.details                                        ? 
_reflns.limit_h_max                                    ? 
_reflns.limit_h_min                                    ? 
_reflns.limit_k_max                                    ? 
_reflns.limit_k_min                                    ? 
_reflns.limit_l_max                                    ? 
_reflns.limit_l_min                                    ? 
_reflns.number_all                                     ? 
_reflns.number_obs                                     2977 
_reflns.observed_criterion                             ? 
_reflns.observed_criterion_F_max                       ? 
_reflns.observed_criterion_F_min                       ? 
_reflns.observed_criterion_I_max                       ? 
_reflns.observed_criterion_I_min                       ? 
_reflns.observed_criterion_sigma_F                     ? 
_reflns.observed_criterion_sigma_I                     ? 
_reflns.percent_possible_obs                           93.900 
_reflns.R_free_details                                 ? 
_reflns.Rmerge_F_all                                   ? 
_reflns.Rmerge_F_obs                                   ? 
_reflns.Friedel_coverage                               ? 
_reflns.number_gt                                      ? 
_reflns.threshold_expression                           ? 
_reflns.pdbx_redundancy                                2.996 
_reflns.pdbx_Rmerge_I_obs                              0.167 
_reflns.pdbx_Rmerge_I_all                              ? 
_reflns.pdbx_Rsym_value                                ? 
_reflns.pdbx_netI_over_av_sigmaI                       ? 
_reflns.pdbx_netI_over_sigmaI                          3.990 
_reflns.pdbx_res_netI_over_av_sigmaI_2                 ? 
_reflns.pdbx_res_netI_over_sigmaI_2                    ? 
_reflns.pdbx_chi_squared                               0.952 
_reflns.pdbx_scaling_rejects                           24 
_reflns.pdbx_d_res_high_opt                            ? 
_reflns.pdbx_d_res_low_opt                             ? 
_reflns.pdbx_d_res_opt_method                          ? 
_reflns.phase_calculation_details                      ? 
_reflns.pdbx_Rrim_I_all                                0.197 
_reflns.pdbx_Rpim_I_all                                ? 
_reflns.pdbx_d_opt                                     ? 
_reflns.pdbx_number_measured_all                       8918 
_reflns.pdbx_diffrn_id                                 1 
_reflns.pdbx_ordinal                                   1 
_reflns.pdbx_CC_half                                   0.988 
_reflns.pdbx_CC_star                                   ? 
_reflns.pdbx_R_split                                   ? 
_reflns.pdbx_aniso_diffraction_limit_axis_1_ortho[1]   ? 
_reflns.pdbx_aniso_diffraction_limit_axis_1_ortho[2]   ? 
_reflns.pdbx_aniso_diffraction_limit_axis_1_ortho[3]   ? 
_reflns.pdbx_aniso_diffraction_limit_axis_2_ortho[1]   ? 
_reflns.pdbx_aniso_diffraction_limit_axis_2_ortho[2]   ? 
_reflns.pdbx_aniso_diffraction_limit_axis_2_ortho[3]   ? 
_reflns.pdbx_aniso_diffraction_limit_axis_3_ortho[1]   ? 
_reflns.pdbx_aniso_diffraction_limit_axis_3_ortho[2]   ? 
_reflns.pdbx_aniso_diffraction_limit_axis_3_ortho[3]   ? 
_reflns.pdbx_aniso_diffraction_limit_1                 ? 
_reflns.pdbx_aniso_diffraction_limit_2                 ? 
_reflns.pdbx_aniso_diffraction_limit_3                 ? 
_reflns.pdbx_aniso_B_tensor_eigenvector_1_ortho[1]     ? 
_reflns.pdbx_aniso_B_tensor_eigenvector_1_ortho[2]     ? 
_reflns.pdbx_aniso_B_tensor_eigenvector_1_ortho[3]     ? 
_reflns.pdbx_aniso_B_tensor_eigenvector_2_ortho[1]     ? 
_reflns.pdbx_aniso_B_tensor_eigenvector_2_ortho[2]     ? 
_reflns.pdbx_aniso_B_tensor_eigenvector_2_ortho[3]     ? 
_reflns.pdbx_aniso_B_tensor_eigenvector_3_ortho[1]     ? 
_reflns.pdbx_aniso_B_tensor_eigenvector_3_ortho[2]     ? 
_reflns.pdbx_aniso_B_tensor_eigenvector_3_ortho[3]     ? 
_reflns.pdbx_aniso_B_tensor_eigenvalue_1               ? 
_reflns.pdbx_aniso_B_tensor_eigenvalue_2               ? 
_reflns.pdbx_aniso_B_tensor_eigenvalue_3               ? 
_reflns.pdbx_orthogonalization_convention              ? 
_reflns.pdbx_percent_possible_ellipsoidal              ? 
_reflns.pdbx_percent_possible_spherical                ? 
_reflns.pdbx_percent_possible_ellipsoidal_anomalous    ? 
_reflns.pdbx_percent_possible_spherical_anomalous      ? 
_reflns.pdbx_redundancy_anomalous                      ? 
_reflns.pdbx_CC_half_anomalous                         ? 
_reflns.pdbx_absDiff_over_sigma_anomalous              ? 
_reflns.pdbx_percent_possible_anomalous                ? 
_reflns.pdbx_observed_signal_threshold                 ? 
_reflns.pdbx_signal_type                               ? 
_reflns.pdbx_signal_details                            ? 
_reflns.pdbx_signal_software_id                        ? 
# 
loop_
_reflns_shell.d_res_high 
_reflns_shell.d_res_low 
_reflns_shell.meanI_over_sigI_all 
_reflns_shell.meanI_over_sigI_obs 
_reflns_shell.number_measured_all 
_reflns_shell.number_measured_obs 
_reflns_shell.number_possible 
_reflns_shell.number_unique_all 
_reflns_shell.number_unique_obs 
_reflns_shell.percent_possible_all 
_reflns_shell.percent_possible_obs 
_reflns_shell.Rmerge_F_all 
_reflns_shell.Rmerge_F_obs 
_reflns_shell.Rmerge_I_all 
_reflns_shell.Rmerge_I_obs 
_reflns_shell.meanI_over_sigI_gt 
_reflns_shell.meanI_over_uI_all 
_reflns_shell.meanI_over_uI_gt 
_reflns_shell.number_measured_gt 
_reflns_shell.number_unique_gt 
_reflns_shell.percent_possible_gt 
_reflns_shell.Rmerge_F_gt 
_reflns_shell.Rmerge_I_gt 
_reflns_shell.pdbx_redundancy 
_reflns_shell.pdbx_Rsym_value 
_reflns_shell.pdbx_chi_squared 
_reflns_shell.pdbx_netI_over_sigmaI_all 
_reflns_shell.pdbx_netI_over_sigmaI_obs 
_reflns_shell.pdbx_Rrim_I_all 
_reflns_shell.pdbx_Rpim_I_all 
_reflns_shell.pdbx_rejects 
_reflns_shell.pdbx_ordinal 
_reflns_shell.pdbx_diffrn_id 
_reflns_shell.pdbx_CC_half 
_reflns_shell.pdbx_CC_star 
_reflns_shell.pdbx_R_split 
_reflns_shell.pdbx_percent_possible_ellipsoidal 
_reflns_shell.pdbx_percent_possible_spherical 
_reflns_shell.pdbx_percent_possible_ellipsoidal_anomalous 
_reflns_shell.pdbx_percent_possible_spherical_anomalous 
_reflns_shell.pdbx_redundancy_anomalous 
_reflns_shell.pdbx_CC_half_anomalous 
_reflns_shell.pdbx_absDiff_over_sigma_anomalous 
_reflns_shell.pdbx_percent_possible_anomalous 
1.000 1.030  ? 1.330 ? 523 227 ? 215 94.700 ? ? ? ? 0.514 ? ? ? ? ? ? ? ? 2.433 ? ? ? ? 0.650 ? ? 1  1 0.742 ? ? ? ? ? ? ? ? ? ? 
1.030 1.050  ? 1.510 ? 480 207 ? 189 91.300 ? ? ? ? 0.478 ? ? ? ? ? ? ? ? 2.540 ? ? ? ? 0.598 ? ? 2  1 0.806 ? ? ? ? ? ? ? ? ? ? 
1.050 1.080  ? 2.150 ? 540 232 ? 215 92.700 ? ? ? ? 0.317 ? ? ? ? ? ? ? ? 2.512 ? ? ? ? 0.393 ? ? 3  1 0.906 ? ? ? ? ? ? ? ? ? ? 
1.080 1.120  ? 2.680 ? 620 235 ? 224 95.300 ? ? ? ? 0.285 ? ? ? ? ? ? ? ? 2.768 ? ? ? ? 0.347 ? ? 4  1 0.905 ? ? ? ? ? ? ? ? ? ? 
1.120 1.150  ? 2.980 ? 599 210 ? 198 94.300 ? ? ? ? 0.334 ? ? ? ? ? ? ? ? 3.025 ? ? ? ? 0.399 ? ? 5  1 0.860 ? ? ? ? ? ? ? ? ? ? 
1.150 1.200  ? 3.090 ? 658 222 ? 210 94.600 ? ? ? ? 0.296 ? ? ? ? ? ? ? ? 3.133 ? ? ? ? 0.355 ? ? 6  1 0.935 ? ? ? ? ? ? ? ? ? ? 
1.200 1.240  ? 2.930 ? 512 191 ? 183 95.800 ? ? ? ? 0.271 ? ? ? ? ? ? ? ? 2.798 ? ? ? ? 0.329 ? ? 7  1 0.928 ? ? ? ? ? ? ? ? ? ? 
1.240 1.290  ? 3.360 ? 487 168 ? 162 96.400 ? ? ? ? 0.274 ? ? ? ? ? ? ? ? 3.006 ? ? ? ? 0.325 ? ? 8  1 0.939 ? ? ? ? ? ? ? ? ? ? 
1.290 1.350  ? 3.500 ? 464 166 ? 159 95.800 ? ? ? ? 0.237 ? ? ? ? ? ? ? ? 2.918 ? ? ? ? 0.284 ? ? 9  1 0.939 ? ? ? ? ? ? ? ? ? ? 
1.350 1.410  ? 3.830 ? 533 181 ? 171 94.500 ? ? ? ? 0.246 ? ? ? ? ? ? ? ? 3.117 ? ? ? ? 0.294 ? ? 10 1 0.922 ? ? ? ? ? ? ? ? ? ? 
1.410 1.490  ? 4.750 ? 544 171 ? 160 93.600 ? ? ? ? 0.222 ? ? ? ? ? ? ? ? 3.400 ? ? ? ? 0.261 ? ? 11 1 0.945 ? ? ? ? ? ? ? ? ? ? 
1.490 1.580  ? 5.160 ? 569 170 ? 163 95.900 ? ? ? ? 0.201 ? ? ? ? ? ? ? ? 3.491 ? ? ? ? 0.233 ? ? 12 1 0.969 ? ? ? ? ? ? ? ? ? ? 
1.580 1.690  ? 6.120 ? 465 147 ? 135 91.800 ? ? ? ? 0.170 ? ? ? ? ? ? ? ? 3.444 ? ? ? ? 0.198 ? ? 13 1 0.949 ? ? ? ? ? ? ? ? ? ? 
1.690 1.830  ? 5.540 ? 297 108 ? 100 92.600 ? ? ? ? 0.163 ? ? ? ? ? ? ? ? 2.970 ? ? ? ? 0.199 ? ? 14 1 0.964 ? ? ? ? ? ? ? ? ? ? 
1.830 2.000  ? 6.430 ? 408 137 ? 128 93.400 ? ? ? ? 0.153 ? ? ? ? ? ? ? ? 3.188 ? ? ? ? 0.182 ? ? 15 1 0.987 ? ? ? ? ? ? ? ? ? ? 
2.000 2.240  ? 7.300 ? 339 112 ? 105 93.800 ? ? ? ? 0.121 ? ? ? ? ? ? ? ? 3.229 ? ? ? ? 0.145 ? ? 16 1 0.986 ? ? ? ? ? ? ? ? ? ? 
2.240 2.580  ? 8.260 ? 364 108 ? 98  90.700 ? ? ? ? 0.126 ? ? ? ? ? ? ? ? 3.714 ? ? ? ? 0.146 ? ? 17 1 0.972 ? ? ? ? ? ? ? ? ? ? 
2.580 3.160  ? 7.710 ? 203 74  ? 67  90.500 ? ? ? ? 0.090 ? ? ? ? ? ? ? ? 3.030 ? ? ? ? 0.106 ? ? 18 1 0.994 ? ? ? ? ? ? ? ? ? ? 
3.160 4.470  ? 8.850 ? 213 70  ? 65  92.900 ? ? ? ? 0.129 ? ? ? ? ? ? ? ? 3.277 ? ? ? ? 0.151 ? ? 19 1 0.988 ? ? ? ? ? ? ? ? ? ? 
4.470 10.391 ? 7.810 ? 100 34  ? 30  88.200 ? ? ? ? 0.171 ? ? ? ? ? ? ? ? 3.333 ? ? ? ? 0.194 ? ? 20 1 0.975 ? ? ? ? ? ? ? ? ? ? 
# 
_refine.aniso_B[1][1]                            ? 
_refine.aniso_B[1][2]                            ? 
_refine.aniso_B[1][3]                            ? 
_refine.aniso_B[2][2]                            ? 
_refine.aniso_B[2][3]                            ? 
_refine.aniso_B[3][3]                            ? 
_refine.B_iso_max                                40.870 
_refine.B_iso_mean                               8.4907 
_refine.B_iso_min                                1.190 
_refine.correlation_coeff_Fo_to_Fc               ? 
_refine.correlation_coeff_Fo_to_Fc_free          ? 
_refine.details                                  ? 
_refine.diff_density_max                         ? 
_refine.diff_density_max_esd                     ? 
_refine.diff_density_min                         ? 
_refine.diff_density_min_esd                     ? 
_refine.diff_density_rms                         ? 
_refine.diff_density_rms_esd                     ? 
_refine.entry_id                                 7RVD 
_refine.pdbx_refine_id                           'ELECTRON CRYSTALLOGRAPHY' 
_refine.ls_abs_structure_details                 ? 
_refine.ls_abs_structure_Flack                   ? 
_refine.ls_abs_structure_Flack_esd               ? 
_refine.ls_abs_structure_Rogers                  ? 
_refine.ls_abs_structure_Rogers_esd              ? 
_refine.ls_d_res_high                            1.0030 
_refine.ls_d_res_low                             10.3910 
_refine.ls_extinction_coef                       ? 
_refine.ls_extinction_coef_esd                   ? 
_refine.ls_extinction_expression                 ? 
_refine.ls_extinction_method                     ? 
_refine.ls_goodness_of_fit_all                   ? 
_refine.ls_goodness_of_fit_all_esd               ? 
_refine.ls_goodness_of_fit_obs                   ? 
_refine.ls_goodness_of_fit_obs_esd               ? 
_refine.ls_hydrogen_treatment                    ? 
_refine.ls_matrix_type                           ? 
_refine.ls_number_constraints                    ? 
_refine.ls_number_parameters                     ? 
_refine.ls_number_reflns_all                     ? 
_refine.ls_number_reflns_obs                     2935 
_refine.ls_number_reflns_R_free                  265 
_refine.ls_number_reflns_R_work                  2670 
_refine.ls_number_restraints                     ? 
_refine.ls_percent_reflns_obs                    93.7400 
_refine.ls_percent_reflns_R_free                 9.0300 
_refine.ls_R_factor_all                          ? 
_refine.ls_R_factor_obs                          0.2056 
_refine.ls_R_factor_R_free                       0.2499 
_refine.ls_R_factor_R_free_error                 ? 
_refine.ls_R_factor_R_free_error_details         ? 
_refine.ls_R_factor_R_work                       0.2011 
_refine.ls_R_Fsqd_factor_obs                     ? 
_refine.ls_R_I_factor_obs                        ? 
_refine.ls_redundancy_reflns_all                 ? 
_refine.ls_redundancy_reflns_obs                 ? 
_refine.ls_restrained_S_all                      ? 
_refine.ls_restrained_S_obs                      ? 
_refine.ls_shift_over_esd_max                    ? 
_refine.ls_shift_over_esd_mean                   ? 
_refine.ls_structure_factor_coef                 ? 
_refine.ls_weighting_details                     ? 
_refine.ls_weighting_scheme                      ? 
_refine.ls_wR_factor_all                         ? 
_refine.ls_wR_factor_obs                         ? 
_refine.ls_wR_factor_R_free                      ? 
_refine.ls_wR_factor_R_work                      ? 
_refine.occupancy_max                            ? 
_refine.occupancy_min                            ? 
_refine.solvent_model_details                    'FLAT BULK SOLVENT MODEL' 
_refine.solvent_model_param_bsol                 ? 
_refine.solvent_model_param_ksol                 ? 
_refine.pdbx_R_complete                          ? 
_refine.ls_R_factor_gt                           ? 
_refine.ls_goodness_of_fit_gt                    ? 
_refine.ls_goodness_of_fit_ref                   ? 
_refine.ls_shift_over_su_max                     ? 
_refine.ls_shift_over_su_max_lt                  ? 
_refine.ls_shift_over_su_mean                    ? 
_refine.ls_shift_over_su_mean_lt                 ? 
_refine.pdbx_ls_sigma_I                          ? 
_refine.pdbx_ls_sigma_F                          2.050 
_refine.pdbx_ls_sigma_Fsqd                       ? 
_refine.pdbx_data_cutoff_high_absF               ? 
_refine.pdbx_data_cutoff_high_rms_absF           ? 
_refine.pdbx_data_cutoff_low_absF                ? 
_refine.pdbx_isotropic_thermal_model             ? 
_refine.pdbx_ls_cross_valid_method               THROUGHOUT 
_refine.pdbx_method_to_determine_struct          'AB INITIO PHASING' 
_refine.pdbx_starting_model                      ? 
_refine.pdbx_stereochemistry_target_values       ML 
_refine.pdbx_R_Free_selection_details            ? 
_refine.pdbx_stereochem_target_val_spec_case     ? 
_refine.pdbx_overall_ESU_R                       ? 
_refine.pdbx_overall_ESU_R_Free                  ? 
_refine.pdbx_solvent_vdw_probe_radii             1.1100 
_refine.pdbx_solvent_ion_probe_radii             ? 
_refine.pdbx_solvent_shrinkage_radii             0.9000 
_refine.pdbx_real_space_R                        ? 
_refine.pdbx_density_correlation                 ? 
_refine.pdbx_pd_number_of_powder_patterns        ? 
_refine.pdbx_pd_number_of_points                 ? 
_refine.pdbx_pd_meas_number_of_points            ? 
_refine.pdbx_pd_proc_ls_prof_R_factor            ? 
_refine.pdbx_pd_proc_ls_prof_wR_factor           ? 
_refine.pdbx_pd_Marquardt_correlation_coeff      ? 
_refine.pdbx_pd_Fsqrd_R_factor                   ? 
_refine.pdbx_pd_ls_matrix_band_width             ? 
_refine.pdbx_overall_phase_error                 28.5100 
_refine.pdbx_overall_SU_R_free_Cruickshank_DPI   ? 
_refine.pdbx_overall_SU_R_free_Blow_DPI          ? 
_refine.pdbx_overall_SU_R_Blow_DPI               ? 
_refine.pdbx_TLS_residual_ADP_flag               ? 
_refine.pdbx_diffrn_id                           1 
_refine.overall_SU_B                             ? 
_refine.overall_SU_ML                            0.1000 
_refine.overall_SU_R_Cruickshank_DPI             ? 
_refine.overall_SU_R_free                        ? 
_refine.overall_FOM_free_R_set                   ? 
_refine.overall_FOM_work_R_set                   ? 
_refine.pdbx_average_fsc_overall                 ? 
_refine.pdbx_average_fsc_work                    ? 
_refine.pdbx_average_fsc_free                    ? 
# 
_refine_hist.pdbx_refine_id                   'ELECTRON CRYSTALLOGRAPHY' 
_refine_hist.cycle_id                         final 
_refine_hist.details                          ? 
_refine_hist.d_res_high                       1.0030 
_refine_hist.d_res_low                        10.3910 
_refine_hist.number_atoms_solvent             0 
_refine_hist.number_atoms_total               79 
_refine_hist.number_reflns_all                ? 
_refine_hist.number_reflns_obs                ? 
_refine_hist.number_reflns_R_free             ? 
_refine_hist.number_reflns_R_work             ? 
_refine_hist.R_factor_all                     ? 
_refine_hist.R_factor_obs                     ? 
_refine_hist.R_factor_R_free                  ? 
_refine_hist.R_factor_R_work                  ? 
_refine_hist.pdbx_number_residues_total       9 
_refine_hist.pdbx_B_iso_mean_ligand           ? 
_refine_hist.pdbx_B_iso_mean_solvent          ? 
_refine_hist.pdbx_number_atoms_protein        79 
_refine_hist.pdbx_number_atoms_nucleic_acid   0 
_refine_hist.pdbx_number_atoms_ligand         0 
_refine_hist.pdbx_number_atoms_lipid          ? 
_refine_hist.pdbx_number_atoms_carb           ? 
_refine_hist.pdbx_pseudo_atom_details         ? 
# 
loop_
_refine_ls_restr.pdbx_refine_id 
_refine_ls_restr.criterion 
_refine_ls_restr.dev_ideal 
_refine_ls_restr.dev_ideal_target 
_refine_ls_restr.number 
_refine_ls_restr.rejects 
_refine_ls_restr.type 
_refine_ls_restr.weight 
_refine_ls_restr.pdbx_restraint_function 
'ELECTRON CRYSTALLOGRAPHY' ? 0.008  ? 80  ? f_bond_d           ? ? 
'ELECTRON CRYSTALLOGRAPHY' ? 0.920  ? 108 ? f_angle_d          ? ? 
'ELECTRON CRYSTALLOGRAPHY' ? 0.096  ? 10  ? f_chiral_restr     ? ? 
'ELECTRON CRYSTALLOGRAPHY' ? 0.005  ? 16  ? f_plane_restr      ? ? 
'ELECTRON CRYSTALLOGRAPHY' ? 15.249 ? 28  ? f_dihedral_angle_d ? ? 
# 
loop_
_refine_ls_shell.pdbx_refine_id 
_refine_ls_shell.d_res_high 
_refine_ls_shell.d_res_low 
_refine_ls_shell.number_reflns_all 
_refine_ls_shell.number_reflns_obs 
_refine_ls_shell.number_reflns_R_free 
_refine_ls_shell.number_reflns_R_work 
_refine_ls_shell.percent_reflns_obs 
_refine_ls_shell.percent_reflns_R_free 
_refine_ls_shell.R_factor_all 
_refine_ls_shell.R_factor_obs 
_refine_ls_shell.R_factor_R_free 
_refine_ls_shell.R_factor_R_free_error 
_refine_ls_shell.R_factor_R_work 
_refine_ls_shell.redundancy_reflns_all 
_refine_ls_shell.redundancy_reflns_obs 
_refine_ls_shell.wR_factor_all 
_refine_ls_shell.wR_factor_obs 
_refine_ls_shell.wR_factor_R_free 
_refine_ls_shell.wR_factor_R_work 
_refine_ls_shell.pdbx_R_complete 
_refine_ls_shell.pdbx_total_number_of_bins_used 
_refine_ls_shell.pdbx_phase_error 
_refine_ls_shell.pdbx_fsc_work 
_refine_ls_shell.pdbx_fsc_free 
'ELECTRON CRYSTALLOGRAPHY' 1.0035 1.2639 . . 129 1300 91.0000 . . . 0.2566 0.0000 0.1994 . . . . . . . . . . . 
'ELECTRON CRYSTALLOGRAPHY' 1.2639 10     . . 136 1370 97.0000 . . . 0.2471 0.0000 0.2019 . . . . . . . . . . . 
# 
_struct.entry_id                     7RVD 
_struct.title                        'Segment from the mouse/cow prion protein 168-176 QYSNQNNFV' 
_struct.pdbx_model_details           ? 
_struct.pdbx_formula_weight          ? 
_struct.pdbx_formula_weight_method   ? 
_struct.pdbx_model_type_details      ? 
_struct.pdbx_CASP_flag               N 
# 
_struct_keywords.entry_id        7RVD 
_struct_keywords.text            'amyloid, prion, fibril, mouse, cow, PROTEIN FIBRIL' 
_struct_keywords.pdbx_keywords   'PROTEIN FIBRIL' 
# 
_struct_asym.id                            A 
_struct_asym.pdbx_blank_PDB_chainid_flag   N 
_struct_asym.pdbx_modified                 N 
_struct_asym.entity_id                     1 
_struct_asym.details                       ? 
# 
_struct_ref.id                         1 
_struct_ref.db_name                    UNP 
_struct_ref.db_code                    PRIO_MOUSE 
_struct_ref.pdbx_db_accession          P04925 
_struct_ref.pdbx_db_isoform            ? 
_struct_ref.entity_id                  1 
_struct_ref.pdbx_seq_one_letter_code   QYSNQNNFV 
_struct_ref.pdbx_align_begin           167 
# 
_struct_ref_seq.align_id                      1 
_struct_ref_seq.ref_id                        1 
_struct_ref_seq.pdbx_PDB_id_code              7RVD 
_struct_ref_seq.pdbx_strand_id                A 
_struct_ref_seq.seq_align_beg                 1 
_struct_ref_seq.pdbx_seq_align_beg_ins_code   ? 
_struct_ref_seq.seq_align_end                 9 
_struct_ref_seq.pdbx_seq_align_end_ins_code   ? 
_struct_ref_seq.pdbx_db_accession             P04925 
_struct_ref_seq.db_align_beg                  167 
_struct_ref_seq.pdbx_db_align_beg_ins_code    ? 
_struct_ref_seq.db_align_end                  175 
_struct_ref_seq.pdbx_db_align_end_ins_code    ? 
_struct_ref_seq.pdbx_auth_seq_align_beg       168 
_struct_ref_seq.pdbx_auth_seq_align_end       176 
# 
_pdbx_struct_assembly.id                   1 
_pdbx_struct_assembly.details              author_defined_assembly 
_pdbx_struct_assembly.method_details       ? 
_pdbx_struct_assembly.oligomeric_details   monomeric 
_pdbx_struct_assembly.oligomeric_count     1 
# 
loop_
_pdbx_struct_assembly_prop.biol_id 
_pdbx_struct_assembly_prop.type 
_pdbx_struct_assembly_prop.value 
_pdbx_struct_assembly_prop.details 
1 'ABSA (A^2)' 0    ? 
1 MORE         0    ? 
1 'SSA (A^2)'  1380 ? 
# 
_pdbx_struct_assembly_gen.assembly_id       1 
_pdbx_struct_assembly_gen.oper_expression   1 
_pdbx_struct_assembly_gen.asym_id_list      A 
# 
_pdbx_struct_assembly_auth_evidence.id                     1 
_pdbx_struct_assembly_auth_evidence.assembly_id            1 
_pdbx_struct_assembly_auth_evidence.experimental_support   'electron microscopy' 
_pdbx_struct_assembly_auth_evidence.details                ? 
# 
_pdbx_struct_oper_list.id                   1 
_pdbx_struct_oper_list.type                 'identity operation' 
_pdbx_struct_oper_list.name                 1_555 
_pdbx_struct_oper_list.symmetry_operation   x,y,z 
_pdbx_struct_oper_list.matrix[1][1]         1.0000000000 
_pdbx_struct_oper_list.matrix[1][2]         0.0000000000 
_pdbx_struct_oper_list.matrix[1][3]         0.0000000000 
_pdbx_struct_oper_list.vector[1]            0.0000000000 
_pdbx_struct_oper_list.matrix[2][1]         0.0000000000 
_pdbx_struct_oper_list.matrix[2][2]         1.0000000000 
_pdbx_struct_oper_list.matrix[2][3]         0.0000000000 
_pdbx_struct_oper_list.vector[2]            0.0000000000 
_pdbx_struct_oper_list.matrix[3][1]         0.0000000000 
_pdbx_struct_oper_list.matrix[3][2]         0.0000000000 
_pdbx_struct_oper_list.matrix[3][3]         1.0000000000 
_pdbx_struct_oper_list.vector[3]            0.0000000000 
# 
_em_3d_reconstruction.entry_id                    7RVD 
_em_3d_reconstruction.id                          1 
_em_3d_reconstruction.algorithm                   ? 
_em_3d_reconstruction.details                     ? 
_em_3d_reconstruction.refinement_type             ? 
_em_3d_reconstruction.image_processing_id         1 
_em_3d_reconstruction.num_class_averages          ? 
_em_3d_reconstruction.num_particles               ? 
_em_3d_reconstruction.resolution                  1.0030 
_em_3d_reconstruction.resolution_method           'DIFFRACTION PATTERN/LAYERLINES' 
_em_3d_reconstruction.symmetry_type               '3D CRYSTAL' 
_em_3d_reconstruction.method                      ? 
_em_3d_reconstruction.nominal_pixel_size          ? 
_em_3d_reconstruction.actual_pixel_size           ? 
_em_3d_reconstruction.magnification_calibration   ? 
# 
_em_entity_assembly.details              ? 
_em_entity_assembly.entity_id_list       1 
_em_entity_assembly.id                   1 
_em_entity_assembly.name                 'Major prion protein' 
_em_entity_assembly.oligomeric_details   ? 
_em_entity_assembly.parent_id            0 
_em_entity_assembly.source               NATURAL 
_em_entity_assembly.synonym              ? 
_em_entity_assembly.type                 COMPLEX 
# 
_em_imaging.id                              1 
_em_imaging.entry_id                        7RVD 
_em_imaging.accelerating_voltage            300 
_em_imaging.alignment_procedure             . 
_em_imaging.c2_aperture_diameter            . 
_em_imaging.calibrated_defocus_max          ? 
_em_imaging.calibrated_defocus_min          ? 
_em_imaging.calibrated_magnification        ? 
_em_imaging.cryogen                         NITROGEN 
_em_imaging.details                         ? 
_em_imaging.electron_source                 'FIELD EMISSION GUN' 
_em_imaging.illumination_mode               'FLOOD BEAM' 
_em_imaging.microscope_model                'FEI TECNAI F30' 
_em_imaging.mode                            DIFFRACTION 
_em_imaging.nominal_cs                      ? 
_em_imaging.nominal_defocus_max             ? 
_em_imaging.nominal_defocus_min             ? 
_em_imaging.nominal_magnification           ? 
_em_imaging.recording_temperature_maximum   ? 
_em_imaging.recording_temperature_minimum   ? 
_em_imaging.residual_tilt                   ? 
_em_imaging.specimen_holder_model           . 
_em_imaging.specimen_id                     1 
_em_imaging.citation_id                     ? 
_em_imaging.date                            ? 
_em_imaging.temperature                     ? 
_em_imaging.tilt_angle_min                  ? 
_em_imaging.tilt_angle_max                  ? 
_em_imaging.astigmatism                     ? 
_em_imaging.detector_distance               ? 
_em_imaging.electron_beam_tilt_params       ? 
_em_imaging.specimen_holder_type            ? 
# 
_em_experiment.entry_id                7RVD 
_em_experiment.id                      1 
_em_experiment.aggregation_state       '3D ARRAY' 
_em_experiment.reconstruction_method   CRYSTALLOGRAPHY 
_em_experiment.entity_assembly_id      1 
# 
loop_
_chem_comp_atom.comp_id 
_chem_comp_atom.atom_id 
_chem_comp_atom.type_symbol 
_chem_comp_atom.pdbx_aromatic_flag 
_chem_comp_atom.pdbx_stereo_config 
_chem_comp_atom.pdbx_ordinal 
ASN N    N N N 1   
ASN CA   C N S 2   
ASN C    C N N 3   
ASN O    O N N 4   
ASN CB   C N N 5   
ASN CG   C N N 6   
ASN OD1  O N N 7   
ASN ND2  N N N 8   
ASN OXT  O N N 9   
ASN H    H N N 10  
ASN H2   H N N 11  
ASN HA   H N N 12  
ASN HB2  H N N 13  
ASN HB3  H N N 14  
ASN HD21 H N N 15  
ASN HD22 H N N 16  
ASN HXT  H N N 17  
GLN N    N N N 18  
GLN CA   C N S 19  
GLN C    C N N 20  
GLN O    O N N 21  
GLN CB   C N N 22  
GLN CG   C N N 23  
GLN CD   C N N 24  
GLN OE1  O N N 25  
GLN NE2  N N N 26  
GLN OXT  O N N 27  
GLN H    H N N 28  
GLN H2   H N N 29  
GLN HA   H N N 30  
GLN HB2  H N N 31  
GLN HB3  H N N 32  
GLN HG2  H N N 33  
GLN HG3  H N N 34  
GLN HE21 H N N 35  
GLN HE22 H N N 36  
GLN HXT  H N N 37  
PHE N    N N N 38  
PHE CA   C N S 39  
PHE C    C N N 40  
PHE O    O N N 41  
PHE CB   C N N 42  
PHE CG   C Y N 43  
PHE CD1  C Y N 44  
PHE CD2  C Y N 45  
PHE CE1  C Y N 46  
PHE CE2  C Y N 47  
PHE CZ   C Y N 48  
PHE OXT  O N N 49  
PHE H    H N N 50  
PHE H2   H N N 51  
PHE HA   H N N 52  
PHE HB2  H N N 53  
PHE HB3  H N N 54  
PHE HD1  H N N 55  
PHE HD2  H N N 56  
PHE HE1  H N N 57  
PHE HE2  H N N 58  
PHE HZ   H N N 59  
PHE HXT  H N N 60  
SER N    N N N 61  
SER CA   C N S 62  
SER C    C N N 63  
SER O    O N N 64  
SER CB   C N N 65  
SER OG   O N N 66  
SER OXT  O N N 67  
SER H    H N N 68  
SER H2   H N N 69  
SER HA   H N N 70  
SER HB2  H N N 71  
SER HB3  H N N 72  
SER HG   H N N 73  
SER HXT  H N N 74  
TYR N    N N N 75  
TYR CA   C N S 76  
TYR C    C N N 77  
TYR O    O N N 78  
TYR CB   C N N 79  
TYR CG   C Y N 80  
TYR CD1  C Y N 81  
TYR CD2  C Y N 82  
TYR CE1  C Y N 83  
TYR CE2  C Y N 84  
TYR CZ   C Y N 85  
TYR OH   O N N 86  
TYR OXT  O N N 87  
TYR H    H N N 88  
TYR H2   H N N 89  
TYR HA   H N N 90  
TYR HB2  H N N 91  
TYR HB3  H N N 92  
TYR HD1  H N N 93  
TYR HD2  H N N 94  
TYR HE1  H N N 95  
TYR HE2  H N N 96  
TYR HH   H N N 97  
TYR HXT  H N N 98  
VAL N    N N N 99  
VAL CA   C N S 100 
VAL C    C N N 101 
VAL O    O N N 102 
VAL CB   C N N 103 
VAL CG1  C N N 104 
VAL CG2  C N N 105 
VAL OXT  O N N 106 
VAL H    H N N 107 
VAL H2   H N N 108 
VAL HA   H N N 109 
VAL HB   H N N 110 
VAL HG11 H N N 111 
VAL HG12 H N N 112 
VAL HG13 H N N 113 
VAL HG21 H N N 114 
VAL HG22 H N N 115 
VAL HG23 H N N 116 
VAL HXT  H N N 117 
# 
loop_
_chem_comp_bond.comp_id 
_chem_comp_bond.atom_id_1 
_chem_comp_bond.atom_id_2 
_chem_comp_bond.value_order 
_chem_comp_bond.pdbx_aromatic_flag 
_chem_comp_bond.pdbx_stereo_config 
_chem_comp_bond.pdbx_ordinal 
ASN N   CA   sing N N 1   
ASN N   H    sing N N 2   
ASN N   H2   sing N N 3   
ASN CA  C    sing N N 4   
ASN CA  CB   sing N N 5   
ASN CA  HA   sing N N 6   
ASN C   O    doub N N 7   
ASN C   OXT  sing N N 8   
ASN CB  CG   sing N N 9   
ASN CB  HB2  sing N N 10  
ASN CB  HB3  sing N N 11  
ASN CG  OD1  doub N N 12  
ASN CG  ND2  sing N N 13  
ASN ND2 HD21 sing N N 14  
ASN ND2 HD22 sing N N 15  
ASN OXT HXT  sing N N 16  
GLN N   CA   sing N N 17  
GLN N   H    sing N N 18  
GLN N   H2   sing N N 19  
GLN CA  C    sing N N 20  
GLN CA  CB   sing N N 21  
GLN CA  HA   sing N N 22  
GLN C   O    doub N N 23  
GLN C   OXT  sing N N 24  
GLN CB  CG   sing N N 25  
GLN CB  HB2  sing N N 26  
GLN CB  HB3  sing N N 27  
GLN CG  CD   sing N N 28  
GLN CG  HG2  sing N N 29  
GLN CG  HG3  sing N N 30  
GLN CD  OE1  doub N N 31  
GLN CD  NE2  sing N N 32  
GLN NE2 HE21 sing N N 33  
GLN NE2 HE22 sing N N 34  
GLN OXT HXT  sing N N 35  
PHE N   CA   sing N N 36  
PHE N   H    sing N N 37  
PHE N   H2   sing N N 38  
PHE CA  C    sing N N 39  
PHE CA  CB   sing N N 40  
PHE CA  HA   sing N N 41  
PHE C   O    doub N N 42  
PHE C   OXT  sing N N 43  
PHE CB  CG   sing N N 44  
PHE CB  HB2  sing N N 45  
PHE CB  HB3  sing N N 46  
PHE CG  CD1  doub Y N 47  
PHE CG  CD2  sing Y N 48  
PHE CD1 CE1  sing Y N 49  
PHE CD1 HD1  sing N N 50  
PHE CD2 CE2  doub Y N 51  
PHE CD2 HD2  sing N N 52  
PHE CE1 CZ   doub Y N 53  
PHE CE1 HE1  sing N N 54  
PHE CE2 CZ   sing Y N 55  
PHE CE2 HE2  sing N N 56  
PHE CZ  HZ   sing N N 57  
PHE OXT HXT  sing N N 58  
SER N   CA   sing N N 59  
SER N   H    sing N N 60  
SER N   H2   sing N N 61  
SER CA  C    sing N N 62  
SER CA  CB   sing N N 63  
SER CA  HA   sing N N 64  
SER C   O    doub N N 65  
SER C   OXT  sing N N 66  
SER CB  OG   sing N N 67  
SER CB  HB2  sing N N 68  
SER CB  HB3  sing N N 69  
SER OG  HG   sing N N 70  
SER OXT HXT  sing N N 71  
TYR N   CA   sing N N 72  
TYR N   H    sing N N 73  
TYR N   H2   sing N N 74  
TYR CA  C    sing N N 75  
TYR CA  CB   sing N N 76  
TYR CA  HA   sing N N 77  
TYR C   O    doub N N 78  
TYR C   OXT  sing N N 79  
TYR CB  CG   sing N N 80  
TYR CB  HB2  sing N N 81  
TYR CB  HB3  sing N N 82  
TYR CG  CD1  doub Y N 83  
TYR CG  CD2  sing Y N 84  
TYR CD1 CE1  sing Y N 85  
TYR CD1 HD1  sing N N 86  
TYR CD2 CE2  doub Y N 87  
TYR CD2 HD2  sing N N 88  
TYR CE1 CZ   doub Y N 89  
TYR CE1 HE1  sing N N 90  
TYR CE2 CZ   sing Y N 91  
TYR CE2 HE2  sing N N 92  
TYR CZ  OH   sing N N 93  
TYR OH  HH   sing N N 94  
TYR OXT HXT  sing N N 95  
VAL N   CA   sing N N 96  
VAL N   H    sing N N 97  
VAL N   H2   sing N N 98  
VAL CA  C    sing N N 99  
VAL CA  CB   sing N N 100 
VAL CA  HA   sing N N 101 
VAL C   O    doub N N 102 
VAL C   OXT  sing N N 103 
VAL CB  CG1  sing N N 104 
VAL CB  CG2  sing N N 105 
VAL CB  HB   sing N N 106 
VAL CG1 HG11 sing N N 107 
VAL CG1 HG12 sing N N 108 
VAL CG1 HG13 sing N N 109 
VAL CG2 HG21 sing N N 110 
VAL CG2 HG22 sing N N 111 
VAL CG2 HG23 sing N N 112 
VAL OXT HXT  sing N N 113 
# 
_em_3d_crystal_entity.id                    1 
_em_3d_crystal_entity.image_processing_id   1 
_em_3d_crystal_entity.angle_alpha           94.650 
_em_3d_crystal_entity.angle_beta            90.730 
_em_3d_crystal_entity.angle_gamma           101.150 
_em_3d_crystal_entity.length_a              4.870 
_em_3d_crystal_entity.length_b              10.170 
_em_3d_crystal_entity.length_c              31.290 
_em_3d_crystal_entity.space_group_name      'P 1' 
_em_3d_crystal_entity.space_group_num       1 
# 
_em_diffraction.id                1 
_em_diffraction.camera_length     1 
_em_diffraction.imaging_id        1 
_em_diffraction.tilt_angle_list   ? 
# 
_em_entity_assembly_naturalsource.cell                 ? 
_em_entity_assembly_naturalsource.cellular_location    ? 
_em_entity_assembly_naturalsource.entity_assembly_id   1 
_em_entity_assembly_naturalsource.id                   1 
_em_entity_assembly_naturalsource.ncbi_tax_id          10090 
_em_entity_assembly_naturalsource.organ                ? 
_em_entity_assembly_naturalsource.organelle            ? 
_em_entity_assembly_naturalsource.organism             'Mus musculus' 
_em_entity_assembly_naturalsource.strain               ? 
_em_entity_assembly_naturalsource.tissue               ? 
# 
_em_image_processing.id                   1 
_em_image_processing.image_recording_id   1 
_em_image_processing.details              ? 
# 
_em_image_recording.id                            1 
_em_image_recording.imaging_id                    1 
_em_image_recording.avg_electron_dose_per_image   . 
_em_image_recording.average_exposure_time         . 
_em_image_recording.details                       ? 
_em_image_recording.detector_mode                 ? 
_em_image_recording.film_or_detector_model        'TVIPS TEMCAM-F416 (4k x 4k)' 
_em_image_recording.num_diffraction_images        . 
_em_image_recording.num_grids_imaged              1 
_em_image_recording.num_real_images               1 
# 
_em_specimen.id                      1 
_em_specimen.experiment_id           1 
_em_specimen.concentration           ? 
_em_specimen.details                 ? 
_em_specimen.embedding_applied       NO 
_em_specimen.shadowing_applied       NO 
_em_specimen.staining_applied        NO 
_em_specimen.vitrification_applied   NO 
# 
loop_
_pdbx_audit_support.funding_organization 
_pdbx_audit_support.country 
_pdbx_audit_support.grant_number 
_pdbx_audit_support.ordinal 
'National Institutes of Health/National Institute of General Medical Sciences (NIH/NIGMS)'        'United States' R35GM128867  1 
'National Institutes of Health/National Institute Of Allergy and Infectious Diseases (NIH/NIAID)' 'United States' 1F31AI143368 2 
# 
_atom_sites.entry_id                    7RVD 
_atom_sites.Cartn_transf_matrix[1][1]   ? 
_atom_sites.Cartn_transf_matrix[1][2]   ? 
_atom_sites.Cartn_transf_matrix[1][3]   ? 
_atom_sites.Cartn_transf_matrix[2][1]   ? 
_atom_sites.Cartn_transf_matrix[2][2]   ? 
_atom_sites.Cartn_transf_matrix[2][3]   ? 
_atom_sites.Cartn_transf_matrix[3][1]   ? 
_atom_sites.Cartn_transf_matrix[3][2]   ? 
_atom_sites.Cartn_transf_matrix[3][3]   ? 
_atom_sites.Cartn_transf_vector[1]      ? 
_atom_sites.Cartn_transf_vector[2]      ? 
_atom_sites.Cartn_transf_vector[3]      ? 
_atom_sites.fract_transf_matrix[1][1]   -0.07571475 
_atom_sites.fract_transf_matrix[1][2]   0.06593223 
_atom_sites.fract_transf_matrix[1][3]   -0.18373549 
_atom_sites.fract_transf_matrix[2][1]   0.07993643 
_atom_sites.fract_transf_matrix[2][2]   0.04761686 
_atom_sites.fract_transf_matrix[2][3]   -0.03820873 
_atom_sites.fract_transf_matrix[3][1]   0.01159369 
_atom_sites.fract_transf_matrix[3][2]   -0.02581613 
_atom_sites.fract_transf_matrix[3][3]   -0.01510338 
_atom_sites.fract_transf_vector[1]      0.769726 
_atom_sites.fract_transf_vector[2]      0.406774 
_atom_sites.fract_transf_vector[3]      0.553007 
_atom_sites.solution_primary            ? 
_atom_sites.solution_secondary          ? 
_atom_sites.solution_hydrogens          ? 
_atom_sites.special_details             ? 
# 
loop_
_atom_type.symbol 
C 
H 
N 
O 
# 
loop_
_atom_site.group_PDB 
_atom_site.id 
_atom_site.type_symbol 
_atom_site.label_atom_id 
_atom_site.label_alt_id 
_atom_site.label_comp_id 
_atom_site.label_asym_id 
_atom_site.label_entity_id 
_atom_site.label_seq_id 
_atom_site.pdbx_PDB_ins_code 
_atom_site.Cartn_x 
_atom_site.Cartn_y 
_atom_site.Cartn_z 
_atom_site.occupancy 
_atom_site.B_iso_or_equiv 
_atom_site.pdbx_formal_charge 
_atom_site.auth_seq_id 
_atom_site.auth_comp_id 
_atom_site.auth_asym_id 
_atom_site.auth_atom_id 
_atom_site.pdbx_PDB_model_num 
ATOM 1   N N    . GLN A 1 1 ? -8.554 8.359   8.579  1.00 13.96 ?  168 GLN A N    1 
ATOM 2   C CA   . GLN A 1 1 ? -7.634 8.353   7.400  1.00 13.18 ?  168 GLN A CA   1 
ATOM 3   C C    . GLN A 1 1 ? -6.965 6.984   7.233  1.00 9.30  ?  168 GLN A C    1 
ATOM 4   O O    . GLN A 1 1 ? -6.404 6.440   8.185  1.00 10.85 ?  168 GLN A O    1 
ATOM 5   C CB   . GLN A 1 1 ? -6.576 9.445   7.573  1.00 16.41 ?  168 GLN A CB   1 
ATOM 6   C CG   . GLN A 1 1 ? -5.872 9.849   6.293  1.00 18.43 ?  168 GLN A CG   1 
ATOM 7   C CD   . GLN A 1 1 ? -5.106 11.144  6.436  1.00 20.38 ?  168 GLN A CD   1 
ATOM 8   O OE1  . GLN A 1 1 ? -4.733 11.542  7.540  1.00 20.70 ?  168 GLN A OE1  1 
ATOM 9   N NE2  . GLN A 1 1 ? -4.871 11.817  5.316  1.00 21.34 ?  168 GLN A NE2  1 
ATOM 10  H H1   . GLN A 1 1 ? -8.884 9.178   8.693  1.00 16.80 ?  168 GLN A H1   1 
ATOM 11  H H2   . GLN A 1 1 ? -9.222 7.788   8.436  1.00 16.80 ?  168 GLN A H2   1 
ATOM 12  H H3   . GLN A 1 1 ? -8.106 8.116   9.308  1.00 16.80 ?  168 GLN A H3   1 
ATOM 13  H HA   . GLN A 1 1 ? -8.141 8.544   6.595  1.00 15.86 ?  168 GLN A HA   1 
ATOM 14  H HB2  . GLN A 1 1 ? -7.005 10.237  7.934  1.00 19.73 ?  168 GLN A HB2  1 
ATOM 15  H HB3  . GLN A 1 1 ? -5.901 9.128   8.193  1.00 19.73 ?  168 GLN A HB3  1 
ATOM 16  H HG2  . GLN A 1 1 ? -5.242 9.154   6.044  1.00 22.16 ?  168 GLN A HG2  1 
ATOM 17  H HG3  . GLN A 1 1 ? -6.532 9.967   5.591  1.00 22.16 ?  168 GLN A HG3  1 
ATOM 18  H HE21 . GLN A 1 1 ? -5.149 11.507  4.563  1.00 25.65 ?  168 GLN A HE21 1 
ATOM 19  H HE22 . GLN A 1 1 ? -4.439 12.560  5.343  1.00 25.65 ?  168 GLN A HE22 1 
ATOM 20  N N    . TYR A 1 2 ? -7.025 6.447   6.010  1.00 6.68  ?  169 TYR A N    1 
ATOM 21  C CA   . TYR A 1 2 ? -6.527 5.110   5.677  1.00 6.33  ?  169 TYR A CA   1 
ATOM 22  C C    . TYR A 1 2 ? -5.636 5.272   4.450  1.00 5.21  ?  169 TYR A C    1 
ATOM 23  O O    . TYR A 1 2 ? -6.119 5.624   3.368  1.00 5.10  ?  169 TYR A O    1 
ATOM 24  C CB   . TYR A 1 2 ? -7.711 4.156   5.409  1.00 5.64  ?  169 TYR A CB   1 
ATOM 25  C CG   . TYR A 1 2 ? -7.408 2.690   5.048  1.00 5.96  ?  169 TYR A CG   1 
ATOM 26  C CD1  . TYR A 1 2 ? -7.060 2.329   3.745  1.00 5.12  ?  169 TYR A CD1  1 
ATOM 27  C CD2  . TYR A 1 2 ? -7.557 1.664   5.994  1.00 5.33  ?  169 TYR A CD2  1 
ATOM 28  C CE1  . TYR A 1 2 ? -6.815 0.996   3.404  1.00 5.42  ?  169 TYR A CE1  1 
ATOM 29  C CE2  . TYR A 1 2 ? -7.322 0.328   5.664  1.00 5.77  ?  169 TYR A CE2  1 
ATOM 30  C CZ   . TYR A 1 2 ? -6.951 -0.005  4.364  1.00 5.16  ?  169 TYR A CZ   1 
ATOM 31  O OH   . TYR A 1 2 ? -6.721 -1.318  4.000  1.00 5.75  ?  169 TYR A OH   1 
ATOM 32  H H    . TYR A 1 2 ? -7.364 6.856   5.333  1.00 8.06  ?  169 TYR A H    1 
ATOM 33  H HA   . TYR A 1 2 ? -5.997 4.760   6.410  1.00 7.63  ?  169 TYR A HA   1 
ATOM 34  H HB2  . TYR A 1 2 ? -8.264 4.140   6.206  1.00 6.80  ?  169 TYR A HB2  1 
ATOM 35  H HB3  . TYR A 1 2 ? -8.227 4.524   4.676  1.00 6.80  ?  169 TYR A HB3  1 
ATOM 36  H HD1  . TYR A 1 2 ? -6.965 2.990   3.098  1.00 6.18  ?  169 TYR A HD1  1 
ATOM 37  H HD2  . TYR A 1 2 ? -7.804 1.880   6.864  1.00 6.43  ?  169 TYR A HD2  1 
ATOM 38  H HE1  . TYR A 1 2 ? -6.572 0.776   2.534  1.00 6.55  ?  169 TYR A HE1  1 
ATOM 39  H HE2  . TYR A 1 2 ? -7.414 -0.336  6.310  1.00 6.97  ?  169 TYR A HE2  1 
ATOM 40  H HH   . TYR A 1 2 ? -6.834 -1.824  4.661  1.00 6.94  ?  169 TYR A HH   1 
ATOM 41  N N    . SER A 1 3 ? -4.331 5.062   4.630  1.00 5.03  ?  170 SER A N    1 
ATOM 42  C CA   . SER A 1 3 ? -3.353 5.171   3.557  1.00 4.50  ?  170 SER A CA   1 
ATOM 43  C C    . SER A 1 3 ? -2.620 3.839   3.430  1.00 4.32  ?  170 SER A C    1 
ATOM 44  O O    . SER A 1 3 ? -2.079 3.326   4.416  1.00 4.95  ?  170 SER A O    1 
ATOM 45  C CB   . SER A 1 3 ? -2.360 6.299   3.841  1.00 6.83  ?  170 SER A CB   1 
ATOM 46  O OG   . SER A 1 3 ? -3.032 7.538   3.992  1.00 9.25  ?  170 SER A OG   1 
ATOM 47  H H    . SER A 1 3 ? -3.982 4.851   5.387  1.00 6.08  ?  170 SER A H    1 
ATOM 48  H HA   . SER A 1 3 ? -3.806 5.358   2.720  1.00 5.44  ?  170 SER A HA   1 
ATOM 49  H HB2  . SER A 1 3 ? -1.879 6.099   4.658  1.00 8.24  ?  170 SER A HB2  1 
ATOM 50  H HB3  . SER A 1 3 ? -1.738 6.366   3.099  1.00 8.24  ?  170 SER A HB3  1 
ATOM 51  H HG   . SER A 1 3 ? -2.476 8.150   4.147  1.00 11.14 ?  170 SER A HG   1 
ATOM 52  N N    . ASN A 1 4 ? -2.595 3.294   2.217  1.00 3.13  ?  171 ASN A N    1 
ATOM 53  C CA   . ASN A 1 4 ? -2.137 1.935   1.962  1.00 3.08  ?  171 ASN A CA   1 
ATOM 54  C C    . ASN A 1 4 ? -1.353 1.919   0.661  1.00 2.91  ?  171 ASN A C    1 
ATOM 55  O O    . ASN A 1 4 ? -1.779 2.506   -0.339 1.00 3.65  ?  171 ASN A O    1 
ATOM 56  C CB   . ASN A 1 4 ? -3.370 1.000   1.828  1.00 4.63  ?  171 ASN A CB   1 
ATOM 57  C CG   . ASN A 1 4 ? -3.012 -0.485  1.682  1.00 3.78  ?  171 ASN A CG   1 
ATOM 58  O OD1  . ASN A 1 4 ? -2.197 -1.016  2.436  1.00 3.78  ?  171 ASN A OD1  1 
ATOM 59  N ND2  . ASN A 1 4 ? -3.682 -1.171  0.746  1.00 3.53  ?  171 ASN A ND2  1 
ATOM 60  H H    . ASN A 1 4 ? -2.848 3.706   1.506  1.00 3.79  ?  171 ASN A H    1 
ATOM 61  H HA   . ASN A 1 4 ? -1.572 1.625   2.686  1.00 3.73  ?  171 ASN A HA   1 
ATOM 62  H HB2  . ASN A 1 4 ? -3.921 1.095   2.620  1.00 5.60  ?  171 ASN A HB2  1 
ATOM 63  H HB3  . ASN A 1 4 ? -3.876 1.262   1.043  1.00 5.60  ?  171 ASN A HB3  1 
ATOM 64  H HD21 . ASN A 1 4 ? -3.521 -2.008  0.629  1.00 4.27  ?  171 ASN A HD21 1 
ATOM 65  H HD22 . ASN A 1 4 ? -4.253 -0.770  0.246  1.00 4.27  ?  171 ASN A HD22 1 
ATOM 66  N N    . GLN A 1 5 ? -0.212 1.237   0.671  1.00 3.07  ?  172 GLN A N    1 
ATOM 67  C CA   . GLN A 1 5 ? 0.546  1.024   -0.554 1.00 1.95  ?  172 GLN A CA   1 
ATOM 68  C C    . GLN A 1 5 ? 1.302  -0.298  -0.421 1.00 2.00  ?  172 GLN A C    1 
ATOM 69  O O    . GLN A 1 5 ? 1.866  -0.584  0.631  1.00 1.19  ?  172 GLN A O    1 
ATOM 70  C CB   . GLN A 1 5 ? 1.491  2.217   -0.839 1.00 2.19  ?  172 GLN A CB   1 
ATOM 71  C CG   . GLN A 1 5 ? 1.948  2.341   -2.287 1.00 1.98  ?  172 GLN A CG   1 
ATOM 72  C CD   . GLN A 1 5 ? 3.064  1.372   -2.653 1.00 2.33  ?  172 GLN A CD   1 
ATOM 73  O OE1  . GLN A 1 5 ? 3.933  1.056   -1.842 1.00 2.61  ?  172 GLN A OE1  1 
ATOM 74  N NE2  . GLN A 1 5 ? 3.052  0.920   -3.902 1.00 2.88  ?  172 GLN A NE2  1 
ATOM 75  H H    . GLN A 1 5 ? 0.143  0.889   1.372  1.00 3.73  ?  172 GLN A H    1 
ATOM 76  H HA   . GLN A 1 5 ? -0.071 0.945   -1.299 1.00 2.39  ?  172 GLN A HA   1 
ATOM 77  H HB2  . GLN A 1 5 ? 1.031  3.038   -0.606 1.00 2.67  ?  172 GLN A HB2  1 
ATOM 78  H HB3  . GLN A 1 5 ? 2.284  2.120   -0.290 1.00 2.67  ?  172 GLN A HB3  1 
ATOM 79  H HG2  . GLN A 1 5 ? 1.194  2.161   -2.870 1.00 2.41  ?  172 GLN A HG2  1 
ATOM 80  H HG3  . GLN A 1 5 ? 2.273  3.242   -2.438 1.00 2.41  ?  172 GLN A HG3  1 
ATOM 81  H HE21 . GLN A 1 5 ? 2.431  1.168   -4.443 1.00 3.49  ?  172 GLN A HE21 1 
ATOM 82  H HE22 . GLN A 1 5 ? 3.659  0.372   -4.168 1.00 3.49  ?  172 GLN A HE22 1 
ATOM 83  N N    . ASN A 1 6 ? 1.285  -1.121  -1.466 1.00 1.41  ?  173 ASN A N    1 
ATOM 84  C CA   . ASN A 1 6 ? 2.010  -2.389  -1.443 1.00 1.82  ?  173 ASN A CA   1 
ATOM 85  C C    . ASN A 1 6 ? 2.612  -2.687  -2.808 1.00 2.12  ?  173 ASN A C    1 
ATOM 86  O O    . ASN A 1 6 ? 2.023  -2.394  -3.854 1.00 2.64  ?  173 ASN A O    1 
ATOM 87  C CB   . ASN A 1 6 ? 1.131  -3.588  -0.993 1.00 2.37  ?  173 ASN A CB   1 
ATOM 88  C CG   . ASN A 1 6 ? 0.468  -3.375  0.358  1.00 2.29  ?  173 ASN A CG   1 
ATOM 89  O OD1  . ASN A 1 6 ? 0.971  -3.804  1.404  1.00 2.88  ?  173 ASN A OD1  1 
ATOM 90  N ND2  . ASN A 1 6 ? -0.681 -2.697  0.342  1.00 2.72  ?  173 ASN A ND2  1 
ATOM 91  H H    . ASN A 1 6 ? 0.862  -0.970  -2.199 1.00 1.74  ?  173 ASN A H    1 
ATOM 92  H HA   . ASN A 1 6 ? 2.742  -2.312  -0.811 1.00 2.22  ?  173 ASN A HA   1 
ATOM 93  H HB2  . ASN A 1 6 ? 0.431  -3.728  -1.649 1.00 2.89  ?  173 ASN A HB2  1 
ATOM 94  H HB3  . ASN A 1 6 ? 1.689  -4.379  -0.930 1.00 2.89  ?  173 ASN A HB3  1 
ATOM 95  H HD21 . ASN A 1 6 ? -1.101 -2.547  1.077  1.00 3.31  ?  173 ASN A HD21 1 
ATOM 96  H HD22 . ASN A 1 6 ? -1.002 -2.413  -0.403 1.00 3.31  ?  173 ASN A HD22 1 
ATOM 97  N N    . ASN A 1 7 ? 3.790  -3.317  -2.768 1.00 1.53  ?  174 ASN A N    1 
ATOM 98  C CA   . ASN A 1 7 ? 4.567  -3.648  -3.955 1.00 2.20  ?  174 ASN A CA   1 
ATOM 99  C C    . ASN A 1 7 ? 4.845  -5.148  -3.949 1.00 3.50  ?  174 ASN A C    1 
ATOM 100 O O    . ASN A 1 7 ? 5.316  -5.686  -2.938 1.00 3.70  ?  174 ASN A O    1 
ATOM 101 C CB   . ASN A 1 7 ? 5.910  -2.892  -3.968 1.00 2.48  ?  174 ASN A CB   1 
ATOM 102 C CG   . ASN A 1 7 ? 5.760  -1.380  -4.170 1.00 2.84  ?  174 ASN A CG   1 
ATOM 103 O OD1  . ASN A 1 7 ? 5.040  -0.920  -5.059 1.00 3.08  ?  174 ASN A OD1  1 
ATOM 104 N ND2  . ASN A 1 7 ? 6.476  -0.605  -3.350 1.00 2.67  ?  174 ASN A ND2  1 
ATOM 105 H H    . ASN A 1 7 ? 4.167  -3.571  -2.037 1.00 1.88  ?  174 ASN A H    1 
ATOM 106 H HA   . ASN A 1 7 ? 4.066  -3.421  -4.754 1.00 2.68  ?  174 ASN A HA   1 
ATOM 107 H HB2  . ASN A 1 7 ? 6.359  -3.035  -3.121 1.00 3.02  ?  174 ASN A HB2  1 
ATOM 108 H HB3  . ASN A 1 7 ? 6.456  -3.236  -4.692 1.00 3.02  ?  174 ASN A HB3  1 
ATOM 109 H HD21 . ASN A 1 7 ? 6.433  0.252   -3.420 1.00 3.25  ?  174 ASN A HD21 1 
ATOM 110 H HD22 . ASN A 1 7 ? 6.972  -0.961  -2.745 1.00 3.25  ?  174 ASN A HD22 1 
ATOM 111 N N    . PHE A 1 8 ? 4.548  -5.818  -5.074 1.00 4.57  ?  175 PHE A N    1 
ATOM 112 C CA   . PHE A 1 8 ? 4.786  -7.250  -5.260 1.00 5.87  ?  175 PHE A CA   1 
ATOM 113 C C    . PHE A 1 8 ? 5.646  -7.442  -6.496 1.00 7.62  ?  175 PHE A C    1 
ATOM 114 O O    . PHE A 1 8 ? 5.224  -7.113  -7.610 1.00 8.04  ?  175 PHE A O    1 
ATOM 115 C CB   . PHE A 1 8 ? 3.484  -8.051  -5.417 1.00 5.33  ?  175 PHE A CB   1 
ATOM 116 C CG   . PHE A 1 8 ? 2.554  -7.902  -4.268 1.00 5.15  ?  175 PHE A CG   1 
ATOM 117 C CD1  . PHE A 1 8 ? 1.760  -6.780  -4.177 1.00 6.05  ?  175 PHE A CD1  1 
ATOM 118 C CD2  . PHE A 1 8 ? 2.505  -8.856  -3.256 1.00 5.61  ?  175 PHE A CD2  1 
ATOM 119 C CE1  . PHE A 1 8 ? 0.918  -6.611  -3.112 1.00 6.54  ?  175 PHE A CE1  1 
ATOM 120 C CE2  . PHE A 1 8 ? 1.663  -8.694  -2.180 1.00 6.04  ?  175 PHE A CE2  1 
ATOM 121 C CZ   . PHE A 1 8 ? 0.866  -7.567  -2.107 1.00 6.15  ?  175 PHE A CZ   1 
ATOM 122 H H    . PHE A 1 8 ? 4.194  -5.445  -5.764 1.00 5.52  ?  175 PHE A H    1 
ATOM 123 H HA   . PHE A 1 8 ? 5.268  -7.597  -4.493 1.00 7.08  ?  175 PHE A HA   1 
ATOM 124 H HB2  . PHE A 1 8 ? 3.023  -7.748  -6.214 1.00 6.44  ?  175 PHE A HB2  1 
ATOM 125 H HB3  . PHE A 1 8 ? 3.704  -8.992  -5.501 1.00 6.44  ?  175 PHE A HB3  1 
ATOM 126 H HD1  . PHE A 1 8 ? 1.794  -6.135  -4.845 1.00 7.30  ?  175 PHE A HD1  1 
ATOM 127 H HD2  . PHE A 1 8 ? 3.046  -9.610  -3.307 1.00 6.77  ?  175 PHE A HD2  1 
ATOM 128 H HE1  . PHE A 1 8 ? 0.379  -5.855  -3.062 1.00 7.89  ?  175 PHE A HE1  1 
ATOM 129 H HE2  . PHE A 1 8 ? 1.628  -9.339  -1.511 1.00 7.30  ?  175 PHE A HE2  1 
ATOM 130 H HZ   . PHE A 1 8 ? 0.288  -7.453  -1.388 1.00 7.42  ?  175 PHE A HZ   1 
ATOM 131 N N    . VAL A 1 9 ? 6.840  -7.985  -6.296 1.00 10.00 ?  176 VAL A N    1 
ATOM 132 C CA   . VAL A 1 9 ? 7.744  -8.306  -7.384 1.00 18.87 ?  176 VAL A CA   1 
ATOM 133 C C    . VAL A 1 9 ? 7.926  -9.819  -7.387 1.00 30.00 ?  176 VAL A C    1 
ATOM 134 O O    . VAL A 1 9 ? 8.425  -10.383 -6.407 1.00 28.75 ?  176 VAL A O    1 
ATOM 135 C CB   . VAL A 1 9 ? 9.091  -7.575  -7.219 1.00 19.64 ?  176 VAL A CB   1 
ATOM 136 C CG1  . VAL A 1 9 ? 10.052 -7.959  -8.331 1.00 20.63 ?  176 VAL A CG1  1 
ATOM 137 C CG2  . VAL A 1 9 ? 8.879  -6.075  -7.191 1.00 20.59 ?  176 VAL A CG2  1 
ATOM 138 O OXT  . VAL A 1 9 ? 7.576  -10.516 -8.352 1.00 40.87 -1 176 VAL A OXT  1 
ATOM 139 H H    . VAL A 1 9 ? 7.154  -8.178  -5.520 1.00 12.04 ?  176 VAL A H    1 
ATOM 140 H HA   . VAL A 1 9 ? 7.347  -8.041  -8.228 1.00 22.69 ?  176 VAL A HA   1 
ATOM 141 H HB   . VAL A 1 9 ? 9.490  -7.836  -6.374 1.00 23.61 ?  176 VAL A HB   1 
ATOM 142 H HG11 . VAL A 1 9 ? 10.889 -7.485  -8.202 1.00 24.80 ?  176 VAL A HG11 1 
ATOM 143 H HG12 . VAL A 1 9 ? 10.206 -8.916  -8.299 1.00 24.80 ?  176 VAL A HG12 1 
ATOM 144 H HG13 . VAL A 1 9 ? 9.661  -7.714  -9.184 1.00 24.80 ?  176 VAL A HG13 1 
ATOM 145 H HG21 . VAL A 1 9 ? 9.739  -5.637  -7.088 1.00 24.75 ?  176 VAL A HG21 1 
ATOM 146 H HG22 . VAL A 1 9 ? 8.466  -5.799  -8.024 1.00 24.75 ?  176 VAL A HG22 1 
ATOM 147 H HG23 . VAL A 1 9 ? 8.301  -5.851  -6.445 1.00 24.75 ?  176 VAL A HG23 1 
# 
loop_
_atom_site_anisotrop.id 
_atom_site_anisotrop.type_symbol 
_atom_site_anisotrop.pdbx_label_atom_id 
_atom_site_anisotrop.pdbx_label_alt_id 
_atom_site_anisotrop.pdbx_label_comp_id 
_atom_site_anisotrop.pdbx_label_asym_id 
_atom_site_anisotrop.pdbx_label_seq_id 
_atom_site_anisotrop.pdbx_PDB_ins_code 
_atom_site_anisotrop.U[1][1] 
_atom_site_anisotrop.U[2][2] 
_atom_site_anisotrop.U[3][3] 
_atom_site_anisotrop.U[1][2] 
_atom_site_anisotrop.U[1][3] 
_atom_site_anisotrop.U[2][3] 
_atom_site_anisotrop.pdbx_auth_seq_id 
_atom_site_anisotrop.pdbx_auth_comp_id 
_atom_site_anisotrop.pdbx_auth_asym_id 
_atom_site_anisotrop.pdbx_auth_atom_id 
1   N N   . GLN A 1 ? 0.2371 0.1671 0.1263 0.0814  -0.0149 -0.0518 168 GLN A N   
2   C CA  . GLN A 1 ? 0.2057 0.1644 0.1307 0.0743  -0.0109 -0.0535 168 GLN A CA  
3   C C   . GLN A 1 ? 0.1470 0.1393 0.0671 0.0652  -0.0296 -0.0307 168 GLN A C   
4   O O   . GLN A 1 ? 0.1789 0.1501 0.0834 0.0748  -0.0336 -0.0407 168 GLN A O   
5   C CB  . GLN A 1 ? 0.2454 0.1831 0.1950 0.0816  -0.0049 -0.0724 168 GLN A CB  
6   C CG  . GLN A 1 ? 0.2815 0.1982 0.2206 0.0827  0.0130  -0.0804 168 GLN A CG  
7   C CD  . GLN A 1 ? 0.3306 0.2090 0.2348 0.0786  0.0420  -0.0817 168 GLN A CD  
8   O OE1 . GLN A 1 ? 0.3520 0.2031 0.2316 0.0835  0.0512  -0.0656 168 GLN A OE1 
9   N NE2 . GLN A 1 ? 0.3361 0.2193 0.2555 0.0768  0.0410  -0.0953 168 GLN A NE2 
20  N N   . TYR A 2 ? 0.0906 0.1171 0.0461 0.0465  -0.0180 -0.0190 169 TYR A N   
21  C CA  . TYR A 2 ? 0.0574 0.1086 0.0744 0.0354  0.0110  -0.0164 169 TYR A CA  
22  C C   . TYR A 2 ? 0.0470 0.1002 0.0507 0.0348  -0.0057 -0.0083 169 TYR A C   
23  O O   . TYR A 2 ? 0.0446 0.1047 0.0445 0.0323  -0.0064 -0.0096 169 TYR A O   
24  C CB  . TYR A 2 ? 0.0735 0.0917 0.0490 0.0238  0.0258  -0.0057 169 TYR A CB  
25  C CG  . TYR A 2 ? 0.0714 0.1003 0.0548 0.0231  0.0104  -0.0297 169 TYR A CG  
26  C CD1 . TYR A 2 ? 0.0979 0.0644 0.0323 0.0350  0.0038  0.0076  169 TYR A CD1 
27  C CD2 . TYR A 2 ? 0.0789 0.0856 0.0379 0.0094  0.0201  -0.0180 169 TYR A CD2 
28  C CE1 . TYR A 2 ? 0.0878 0.0700 0.0482 0.0255  -0.0028 -0.0095 169 TYR A CE1 
29  C CE2 . TYR A 2 ? 0.0998 0.0773 0.0422 0.0158  0.0272  -0.0056 169 TYR A CE2 
30  C CZ  . TYR A 2 ? 0.0844 0.0675 0.0439 0.0297  -0.0136 -0.0097 169 TYR A CZ  
31  O OH  . TYR A 2 ? 0.1110 0.0670 0.0405 0.0244  -0.0219 -0.0142 169 TYR A OH  
41  N N   . SER A 3 ? 0.0676 0.0802 0.0434 0.0405  -0.0046 0.0066  170 SER A N   
42  C CA  . SER A 3 ? 0.0673 0.0577 0.0461 0.0326  -0.0018 0.0126  170 SER A CA  
43  C C   . SER A 3 ? 0.0618 0.0679 0.0345 0.0374  -0.0121 -0.0100 170 SER A C   
44  O O   . SER A 3 ? 0.0705 0.0819 0.0359 0.0444  -0.0124 -0.0145 170 SER A O   
45  C CB  . SER A 3 ? 0.1055 0.0557 0.0983 0.0125  0.0340  0.0047  170 SER A CB  
46  O OG  . SER A 3 ? 0.1360 0.0619 0.1535 -0.0129 0.0527  -0.0244 170 SER A OG  
52  N N   . ASN A 4 ? 0.0363 0.0583 0.0242 0.0253  -0.0086 -0.0130 171 ASN A N   
53  C CA  . ASN A 4 ? 0.0315 0.0645 0.0210 0.0243  -0.0040 -0.0077 171 ASN A CA  
54  C C   . ASN A 4 ? 0.0491 0.0391 0.0223 0.0207  0.0109  0.0100  171 ASN A C   
55  O O   . ASN A 4 ? 0.0356 0.0688 0.0344 0.0136  0.0106  -0.0103 171 ASN A O   
56  C CB  . ASN A 4 ? 0.0424 0.0928 0.0410 0.0246  -0.0119 -0.0276 171 ASN A CB  
57  C CG  . ASN A 4 ? 0.0383 0.0833 0.0220 0.0079  -0.0012 -0.0065 171 ASN A CG  
58  O OD1 . ASN A 4 ? 0.0331 0.0837 0.0267 0.0065  -0.0079 0.0002  171 ASN A OD1 
59  N ND2 . ASN A 4 ? 0.0456 0.0517 0.0367 0.0112  -0.0065 0.0209  171 ASN A ND2 
66  N N   . GLN A 5 ? 0.0566 0.0403 0.0198 0.0254  0.0027  0.0036  172 GLN A N   
67  C CA  . GLN A 5 ? 0.0210 0.0379 0.0154 0.0088  -0.0061 -0.0081 172 GLN A CA  
68  C C   . GLN A 5 ? 0.0287 0.0286 0.0186 0.0052  0.0058  -0.0106 172 GLN A C   
69  O O   . GLN A 5 ? 0.0231 0.0138 0.0083 0.0089  -0.0021 -0.0001 172 GLN A O   
70  C CB  . GLN A 5 ? 0.0146 0.0331 0.0356 -0.0009 -0.0077 -0.0096 172 GLN A CB  
71  C CG  . GLN A 5 ? 0.0319 0.0222 0.0211 -0.0033 0.0076  0.0100  172 GLN A CG  
72  C CD  . GLN A 5 ? 0.0202 0.0376 0.0307 0.0093  0.0108  -0.0013 172 GLN A CD  
73  O OE1 . GLN A 5 ? 0.0274 0.0342 0.0378 0.0100  0.0084  -0.0069 172 GLN A OE1 
74  N NE2 . GLN A 5 ? 0.0330 0.0500 0.0264 0.0167  0.0067  -0.0068 172 GLN A NE2 
83  N N   . ASN A 6 ? 0.0143 0.0177 0.0218 -0.0018 0.0100  -0.0015 173 ASN A N   
84  C CA  . ASN A 6 ? 0.0133 0.0349 0.0209 -0.0063 0.0044  -0.0152 173 ASN A CA  
85  C C   . ASN A 6 ? 0.0340 0.0311 0.0155 0.0073  0.0103  0.0034  173 ASN A C   
86  O O   . ASN A 6 ? 0.0389 0.0440 0.0173 0.0240  0.0037  0.0036  173 ASN A O   
87  C CB  . ASN A 6 ? 0.0239 0.0476 0.0186 0.0041  -0.0070 -0.0090 173 ASN A CB  
88  C CG  . ASN A 6 ? 0.0170 0.0504 0.0195 0.0019  0.0054  0.0019  173 ASN A CG  
89  O OD1 . ASN A 6 ? 0.0302 0.0493 0.0300 -0.0050 0.0124  0.0051  173 ASN A OD1 
90  N ND2 . ASN A 6 ? 0.0368 0.0484 0.0182 0.0117  0.0007  0.0105  173 ASN A ND2 
97  N N   . ASN A 7 ? 0.0174 0.0301 0.0107 0.0098  0.0013  0.0052  174 ASN A N   
98  C CA  . ASN A 7 ? 0.0256 0.0380 0.0199 0.0151  -0.0088 -0.0108 174 ASN A CA  
99  C C   . ASN A 7 ? 0.0426 0.0607 0.0300 0.0280  -0.0129 -0.0174 174 ASN A C   
100 O O   . ASN A 7 ? 0.0519 0.0540 0.0346 0.0279  0.0002  -0.0108 174 ASN A O   
101 C CB  . ASN A 7 ? 0.0315 0.0283 0.0346 0.0151  -0.0138 -0.0110 174 ASN A CB  
102 C CG  . ASN A 7 ? 0.0444 0.0391 0.0246 0.0096  -0.0141 -0.0119 174 ASN A CG  
103 O OD1 . ASN A 7 ? 0.0490 0.0416 0.0266 0.0132  -0.0111 -0.0152 174 ASN A OD1 
104 N ND2 . ASN A 7 ? 0.0482 0.0176 0.0358 0.0080  0.0048  0.0084  174 ASN A ND2 
111 N N   . PHE A 8 ? 0.0597 0.0798 0.0340 0.0397  -0.0132 -0.0165 175 PHE A N   
112 C CA  . PHE A 8 ? 0.0693 0.1130 0.0408 0.0484  -0.0110 -0.0164 175 PHE A CA  
113 C C   . PHE A 8 ? 0.0816 0.1561 0.0518 0.0601  -0.0108 -0.0194 175 PHE A C   
114 O O   . PHE A 8 ? 0.1042 0.1515 0.0495 0.0542  0.0022  -0.0099 175 PHE A O   
115 C CB  . PHE A 8 ? 0.0652 0.1068 0.0305 0.0277  -0.0012 -0.0048 175 PHE A CB  
116 C CG  . PHE A 8 ? 0.0403 0.1082 0.0470 0.0002  0.0055  -0.0096 175 PHE A CG  
117 C CD1 . PHE A 8 ? 0.0495 0.1178 0.0626 -0.0126 0.0057  -0.0264 175 PHE A CD1 
118 C CD2 . PHE A 8 ? 0.0585 0.0991 0.0555 -0.0155 0.0281  0.0039  175 PHE A CD2 
119 C CE1 . PHE A 8 ? 0.0506 0.1111 0.0868 -0.0244 0.0267  -0.0201 175 PHE A CE1 
120 C CE2 . PHE A 8 ? 0.0485 0.0976 0.0836 -0.0281 0.0226  -0.0056 175 PHE A CE2 
121 C CZ  . PHE A 8 ? 0.0406 0.1071 0.0859 -0.0252 0.0116  -0.0182 175 PHE A CZ  
131 N N   . VAL A 9 ? 0.1063 0.2038 0.0697 0.0768  -0.0169 -0.0301 176 VAL A N   
132 C CA  . VAL A 9 ? 0.2344 0.2753 0.2073 0.0691  0.0481  -0.0908 176 VAL A CA  
133 C C   . VAL A 9 ? 0.3781 0.3451 0.4167 0.0625  0.1085  -0.1749 176 VAL A C   
134 O O   . VAL A 9 ? 0.3819 0.3496 0.3611 0.0679  0.0915  -0.1718 176 VAL A O   
135 C CB  . VAL A 9 ? 0.2268 0.2786 0.2408 0.0527  0.0673  -0.0912 176 VAL A CB  
136 C CG1 . VAL A 9 ? 0.1979 0.2863 0.2998 0.0478  0.0499  -0.1142 176 VAL A CG1 
137 C CG2 . VAL A 9 ? 0.2333 0.2826 0.2666 0.0462  0.0867  -0.0955 176 VAL A CG2 
138 O OXT . VAL A 9 ? 0.5003 0.4070 0.6456 0.0510  0.1684  -0.2262 176 VAL A OXT 
# 
